data_2WMM
#
_entry.id   2WMM
#
_cell.length_a   56.443
_cell.length_b   56.443
_cell.length_c   115.443
_cell.angle_alpha   90.00
_cell.angle_beta   90.00
_cell.angle_gamma   120.00
#
_symmetry.space_group_name_H-M   'P 32'
#
loop_
_entity.id
_entity.type
_entity.pdbx_description
1 polymer 'Chromosome partition protein MukB'
2 non-polymer D-MALATE
3 water water
#
_entity_poly.entity_id   1
_entity_poly.type   'polypeptide(L)'
_entity_poly.pdbx_seq_one_letter_code
;HMERDEVGAHKNAVDEEIERLSQPGGSEDQRLNALAERFGGVLLSEIYDDVSLEDAPYFSALYGPSRHAIVVPDLSQVTE
HLEGLTDCPEDLYLIEGDPQSFDDSVFSVDELEKAVVVKIADRQWRYSRFPEVPLFGRAARESRIESLHAEREVLSERFA
TL
;
_entity_poly.pdbx_strand_id   A,B
#
# COMPACT_ATOMS: atom_id res chain seq x y z
N HIS A 1 -19.83 47.65 15.54
CA HIS A 1 -20.13 46.36 14.87
C HIS A 1 -18.85 45.66 14.43
N MET A 2 -17.82 46.43 14.10
CA MET A 2 -16.57 45.84 13.63
C MET A 2 -15.92 44.88 14.61
N GLU A 3 -16.17 45.09 15.89
CA GLU A 3 -15.60 44.20 16.90
C GLU A 3 -16.38 42.89 16.87
N ARG A 4 -17.69 43.02 17.12
CA ARG A 4 -18.60 41.90 17.13
C ARG A 4 -18.43 40.98 15.92
N ASP A 5 -18.32 41.58 14.74
CA ASP A 5 -18.16 40.82 13.51
C ASP A 5 -16.77 40.20 13.39
N GLU A 6 -15.75 40.84 13.93
CA GLU A 6 -14.41 40.28 13.87
C GLU A 6 -14.39 38.97 14.68
N VAL A 7 -15.20 38.93 15.75
CA VAL A 7 -15.32 37.75 16.59
C VAL A 7 -15.97 36.64 15.76
N GLY A 8 -17.07 36.97 15.09
CA GLY A 8 -17.75 35.98 14.27
C GLY A 8 -16.82 35.48 13.17
N ALA A 9 -16.03 36.40 12.62
CA ALA A 9 -15.09 36.06 11.55
C ALA A 9 -14.07 35.07 12.07
N HIS A 10 -13.56 35.33 13.27
CA HIS A 10 -12.57 34.44 13.87
C HIS A 10 -13.20 33.09 14.20
N LYS A 11 -14.48 33.10 14.55
CA LYS A 11 -15.17 31.85 14.87
C LYS A 11 -15.37 31.00 13.61
N ASN A 12 -15.59 31.65 12.47
CA ASN A 12 -15.77 30.90 11.23
C ASN A 12 -14.45 30.26 10.82
N ALA A 13 -13.38 31.03 10.95
CA ALA A 13 -12.06 30.52 10.60
C ALA A 13 -11.73 29.31 11.47
N VAL A 14 -12.03 29.40 12.76
CA VAL A 14 -11.78 28.28 13.66
C VAL A 14 -12.57 27.04 13.22
N ASP A 15 -13.86 27.23 12.92
CA ASP A 15 -14.69 26.12 12.49
C ASP A 15 -14.08 25.46 11.24
N GLU A 16 -13.68 26.29 10.29
CA GLU A 16 -13.07 25.78 9.06
C GLU A 16 -11.88 24.85 9.32
N GLU A 17 -11.01 25.23 10.24
CA GLU A 17 -9.85 24.37 10.53
C GLU A 17 -10.31 23.09 11.19
N ILE A 18 -11.30 23.21 12.07
CA ILE A 18 -11.84 22.06 12.77
C ILE A 18 -12.36 21.06 11.76
N GLU A 19 -13.10 21.57 10.79
CA GLU A 19 -13.68 20.78 9.72
C GLU A 19 -12.58 20.07 8.96
N ARG A 20 -11.56 20.84 8.59
CA ARG A 20 -10.40 20.32 7.87
C ARG A 20 -9.76 19.19 8.65
N LEU A 21 -9.45 19.48 9.91
CA LEU A 21 -8.78 18.51 10.78
C LEU A 21 -9.59 17.28 11.13
N SER A 22 -10.91 17.38 11.02
CA SER A 22 -11.75 16.26 11.38
C SER A 22 -12.16 15.31 10.27
N GLN A 23 -11.57 15.45 9.09
CA GLN A 23 -11.93 14.54 8.00
C GLN A 23 -11.33 13.16 8.26
N PRO A 24 -12.04 12.12 7.81
CA PRO A 24 -11.55 10.76 8.00
C PRO A 24 -10.31 10.52 7.13
N GLY A 25 -9.53 9.52 7.47
CA GLY A 25 -8.35 9.21 6.71
C GLY A 25 -7.19 9.04 7.67
N GLY A 26 -6.01 8.74 7.15
CA GLY A 26 -4.87 8.54 8.04
C GLY A 26 -5.24 7.35 8.91
N SER A 27 -5.86 6.37 8.27
CA SER A 27 -6.30 5.14 8.90
C SER A 27 -5.22 4.07 8.76
N GLU A 28 -5.36 3.00 9.52
CA GLU A 28 -4.39 1.92 9.49
C GLU A 28 -5.11 0.59 9.55
N ASP A 29 -4.53 -0.42 8.91
CA ASP A 29 -5.08 -1.77 8.89
C ASP A 29 -5.34 -2.21 10.32
N GLN A 30 -6.59 -2.57 10.60
CA GLN A 30 -7.03 -2.99 11.93
C GLN A 30 -6.12 -4.02 12.61
N ARG A 31 -5.52 -4.90 11.81
CA ARG A 31 -4.66 -5.96 12.35
C ARG A 31 -3.26 -5.55 12.79
N LEU A 32 -2.80 -4.38 12.37
CA LEU A 32 -1.46 -3.94 12.73
C LEU A 32 -1.25 -3.80 14.24
N ASN A 33 -2.28 -3.35 14.94
CA ASN A 33 -2.18 -3.18 16.38
C ASN A 33 -1.86 -4.46 17.15
N ALA A 34 -2.70 -5.47 16.99
CA ALA A 34 -2.47 -6.73 17.67
C ALA A 34 -1.09 -7.26 17.27
N LEU A 35 -0.80 -7.22 15.96
CA LEU A 35 0.48 -7.69 15.45
C LEU A 35 1.66 -7.03 16.17
N ALA A 36 1.57 -5.72 16.38
CA ALA A 36 2.62 -4.98 17.07
C ALA A 36 2.77 -5.53 18.50
N GLU A 37 1.64 -5.83 19.12
CA GLU A 37 1.62 -6.37 20.47
C GLU A 37 2.17 -7.79 20.49
N ARG A 38 1.79 -8.58 19.49
CA ARG A 38 2.25 -9.96 19.39
C ARG A 38 3.71 -10.07 18.94
N PHE A 39 4.29 -8.95 18.52
CA PHE A 39 5.68 -8.92 18.08
C PHE A 39 6.53 -8.25 19.13
N GLY A 40 5.87 -7.65 20.12
CA GLY A 40 6.60 -6.95 21.18
C GLY A 40 7.12 -5.62 20.67
N GLY A 41 6.46 -5.06 19.66
CA GLY A 41 6.89 -3.78 19.11
C GLY A 41 5.84 -2.70 19.18
N VAL A 42 6.17 -1.53 18.66
CA VAL A 42 5.25 -0.39 18.65
C VAL A 42 5.12 0.21 17.25
N LEU A 43 3.89 0.49 16.85
CA LEU A 43 3.63 1.06 15.54
C LEU A 43 4.32 2.41 15.40
N LEU A 44 4.86 2.63 14.21
CA LEU A 44 5.54 3.87 13.88
C LEU A 44 4.55 5.01 13.98
N SER A 45 3.27 4.74 13.69
CA SER A 45 2.23 5.77 13.76
C SER A 45 2.02 6.22 15.21
N GLU A 46 2.23 5.32 16.16
CA GLU A 46 2.09 5.65 17.57
C GLU A 46 3.33 6.41 18.05
N ILE A 47 4.49 6.02 17.57
CA ILE A 47 5.73 6.69 17.95
C ILE A 47 5.69 8.15 17.47
N TYR A 48 5.22 8.37 16.24
CA TYR A 48 5.13 9.72 15.68
C TYR A 48 3.78 10.33 16.01
N ASP A 49 3.33 10.06 17.22
CA ASP A 49 2.09 10.57 17.76
C ASP A 49 2.08 12.08 17.80
N ASP A 50 3.21 12.63 18.25
CA ASP A 50 3.36 14.07 18.42
C ASP A 50 3.98 14.88 17.28
N VAL A 51 4.01 14.34 16.08
CA VAL A 51 4.57 15.12 14.97
C VAL A 51 3.65 16.31 14.72
N SER A 52 4.22 17.51 14.74
CA SER A 52 3.48 18.76 14.56
C SER A 52 2.56 18.74 13.34
N LEU A 53 1.55 19.60 13.36
CA LEU A 53 0.62 19.68 12.25
C LEU A 53 1.36 20.15 11.01
N GLU A 54 2.46 20.85 11.24
CA GLU A 54 3.26 21.38 10.16
C GLU A 54 4.06 20.30 9.43
N ASP A 55 4.62 19.37 10.20
CA ASP A 55 5.45 18.29 9.67
C ASP A 55 4.76 16.98 9.32
N ALA A 56 3.60 16.74 9.91
CA ALA A 56 2.88 15.49 9.69
C ALA A 56 2.65 15.09 8.23
N PRO A 57 2.21 16.02 7.38
CA PRO A 57 1.98 15.66 5.97
C PRO A 57 3.25 15.22 5.25
N TYR A 58 4.29 16.05 5.35
CA TYR A 58 5.57 15.77 4.73
C TYR A 58 6.16 14.44 5.20
N PHE A 59 6.24 14.24 6.51
CA PHE A 59 6.81 13.02 7.06
C PHE A 59 6.03 11.73 6.76
N SER A 60 4.71 11.81 6.75
CA SER A 60 3.88 10.65 6.46
C SER A 60 4.12 10.23 5.00
N ALA A 61 4.22 11.22 4.11
CA ALA A 61 4.45 10.93 2.69
C ALA A 61 5.87 10.40 2.52
N LEU A 62 6.83 11.06 3.17
CA LEU A 62 8.23 10.67 3.08
C LEU A 62 8.49 9.19 3.30
N TYR A 63 7.95 8.65 4.38
CA TYR A 63 8.13 7.26 4.73
C TYR A 63 7.57 6.23 3.77
N GLY A 64 6.68 6.66 2.88
CA GLY A 64 6.10 5.73 1.94
C GLY A 64 5.35 4.67 2.73
N PRO A 65 5.07 3.51 2.10
CA PRO A 65 4.36 2.41 2.75
C PRO A 65 4.97 1.94 4.07
N SER A 66 6.24 2.26 4.30
CA SER A 66 6.87 1.85 5.55
C SER A 66 6.27 2.64 6.73
N ARG A 67 5.41 3.60 6.42
CA ARG A 67 4.75 4.41 7.47
C ARG A 67 3.94 3.51 8.43
N HIS A 68 3.52 2.34 7.93
CA HIS A 68 2.74 1.40 8.72
C HIS A 68 3.61 0.38 9.40
N ALA A 69 4.90 0.69 9.51
CA ALA A 69 5.89 -0.20 10.12
C ALA A 69 5.74 -0.46 11.60
N ILE A 70 6.04 -1.69 11.99
CA ILE A 70 6.02 -2.07 13.40
C ILE A 70 7.50 -1.99 13.77
N VAL A 71 7.80 -1.22 14.81
CA VAL A 71 9.18 -1.07 15.27
C VAL A 71 9.40 -2.02 16.45
N VAL A 72 10.47 -2.80 16.38
CA VAL A 72 10.80 -3.74 17.44
C VAL A 72 12.31 -3.65 17.75
N PRO A 73 12.75 -4.23 18.88
CA PRO A 73 14.15 -4.22 19.30
C PRO A 73 15.12 -4.90 18.32
N ASP A 74 14.83 -6.16 18.01
CA ASP A 74 15.69 -6.91 17.09
C ASP A 74 14.87 -7.74 16.12
N LEU A 75 15.17 -7.60 14.84
CA LEU A 75 14.49 -8.32 13.78
C LEU A 75 14.71 -9.82 13.93
N SER A 76 15.96 -10.20 14.23
CA SER A 76 16.33 -11.60 14.39
C SER A 76 15.29 -12.43 15.14
N GLN A 77 14.75 -11.87 16.23
CA GLN A 77 13.76 -12.61 17.02
C GLN A 77 12.33 -12.42 16.60
N VAL A 78 12.12 -11.68 15.52
CA VAL A 78 10.78 -11.45 14.99
C VAL A 78 10.50 -12.59 14.02
N THR A 79 11.55 -13.01 13.33
CA THR A 79 11.48 -14.11 12.37
C THR A 79 10.52 -15.14 12.91
N GLU A 80 10.77 -15.53 14.16
CA GLU A 80 9.95 -16.49 14.88
C GLU A 80 8.46 -16.28 14.58
N HIS A 81 8.04 -15.02 14.66
CA HIS A 81 6.64 -14.64 14.44
C HIS A 81 6.20 -14.49 12.97
N LEU A 82 7.16 -14.34 12.07
CA LEU A 82 6.82 -14.17 10.66
C LEU A 82 6.56 -15.50 9.97
N GLU A 83 7.38 -16.51 10.29
CA GLU A 83 7.26 -17.83 9.69
C GLU A 83 5.82 -18.32 9.79
N GLY A 84 5.18 -18.47 8.64
CA GLY A 84 3.80 -18.95 8.62
C GLY A 84 2.75 -17.86 8.79
N LEU A 85 3.19 -16.61 8.85
CA LEU A 85 2.26 -15.49 9.02
C LEU A 85 1.48 -15.19 7.75
N THR A 86 0.15 -15.25 7.83
CA THR A 86 -0.69 -14.96 6.68
C THR A 86 -1.76 -13.90 6.98
N ASP A 87 -2.26 -13.86 8.22
CA ASP A 87 -3.28 -12.89 8.58
C ASP A 87 -2.66 -11.51 8.82
N CYS A 88 -2.18 -10.90 7.73
CA CYS A 88 -1.56 -9.58 7.81
C CYS A 88 -1.64 -8.93 6.44
N PRO A 89 -1.36 -7.61 6.36
CA PRO A 89 -1.42 -6.96 5.05
C PRO A 89 -0.41 -7.64 4.13
N GLU A 90 -0.67 -7.60 2.83
CA GLU A 90 0.20 -8.23 1.83
C GLU A 90 1.64 -7.77 1.94
N ASP A 91 1.84 -6.58 2.53
CA ASP A 91 3.18 -6.03 2.75
C ASP A 91 3.22 -5.54 4.18
N LEU A 92 4.07 -6.18 4.99
CA LEU A 92 4.22 -5.84 6.39
C LEU A 92 5.65 -5.34 6.60
N TYR A 93 5.78 -4.16 7.20
CA TYR A 93 7.09 -3.57 7.44
C TYR A 93 7.55 -3.71 8.88
N LEU A 94 8.82 -4.05 9.03
CA LEU A 94 9.44 -4.22 10.33
C LEU A 94 10.71 -3.41 10.36
N ILE A 95 10.80 -2.52 11.35
CA ILE A 95 11.97 -1.68 11.51
C ILE A 95 12.59 -1.95 12.88
N GLU A 96 13.91 -2.01 12.91
CA GLU A 96 14.63 -2.26 14.15
C GLU A 96 15.02 -0.93 14.78
N GLY A 97 14.61 -0.74 16.03
CA GLY A 97 14.93 0.49 16.72
C GLY A 97 14.35 0.55 18.12
N ASP A 98 14.46 1.72 18.75
CA ASP A 98 13.94 1.90 20.09
C ASP A 98 12.74 2.83 20.11
N PRO A 99 11.53 2.27 20.31
CA PRO A 99 10.30 3.04 20.35
C PRO A 99 10.41 4.32 21.17
N GLN A 100 11.24 4.29 22.21
CA GLN A 100 11.42 5.44 23.10
C GLN A 100 12.49 6.43 22.65
N SER A 101 13.41 5.97 21.82
CA SER A 101 14.48 6.80 21.29
C SER A 101 14.71 6.30 19.88
N PHE A 102 13.72 6.53 19.03
CA PHE A 102 13.76 6.07 17.65
C PHE A 102 14.44 7.05 16.69
N ASP A 103 15.24 6.50 15.79
CA ASP A 103 15.95 7.30 14.79
C ASP A 103 15.31 7.18 13.42
N ASP A 104 14.92 8.32 12.87
CA ASP A 104 14.28 8.37 11.57
C ASP A 104 15.05 7.64 10.48
N SER A 105 14.33 6.95 9.61
CA SER A 105 14.97 6.27 8.49
C SER A 105 15.52 7.39 7.64
N VAL A 106 16.56 7.13 6.85
CA VAL A 106 17.10 8.17 6.01
C VAL A 106 16.67 7.92 4.58
N PHE A 107 16.17 8.96 3.93
CA PHE A 107 15.69 8.83 2.57
C PHE A 107 16.43 9.74 1.59
N SER A 108 16.54 9.30 0.36
CA SER A 108 17.15 10.10 -0.69
C SER A 108 15.92 10.82 -1.26
N VAL A 109 15.77 12.09 -0.93
CA VAL A 109 14.56 12.80 -1.36
C VAL A 109 14.69 14.17 -1.97
N ASP A 110 13.67 14.50 -2.74
CA ASP A 110 13.54 15.79 -3.38
C ASP A 110 12.10 16.19 -3.14
N GLU A 111 11.86 17.47 -2.89
CA GLU A 111 10.50 17.89 -2.65
C GLU A 111 9.89 18.54 -3.86
N LEU A 112 8.57 18.48 -3.94
CA LEU A 112 7.81 19.08 -5.02
C LEU A 112 6.67 19.82 -4.36
N GLU A 113 5.69 20.17 -5.17
CA GLU A 113 4.52 20.88 -4.69
C GLU A 113 3.65 19.94 -3.85
N LYS A 114 3.79 20.03 -2.53
CA LYS A 114 3.03 19.18 -1.59
C LYS A 114 3.09 17.73 -2.05
N ALA A 115 4.32 17.27 -2.21
CA ALA A 115 4.61 15.93 -2.66
C ALA A 115 6.09 15.71 -2.39
N VAL A 116 6.51 14.46 -2.49
CA VAL A 116 7.89 14.09 -2.24
C VAL A 116 8.28 13.10 -3.33
N VAL A 117 9.57 13.00 -3.63
CA VAL A 117 10.04 12.04 -4.62
C VAL A 117 11.24 11.33 -4.06
N VAL A 118 11.04 10.08 -3.63
CA VAL A 118 12.10 9.30 -3.05
C VAL A 118 12.72 8.35 -4.07
N LYS A 119 14.05 8.32 -4.10
CA LYS A 119 14.77 7.44 -4.99
C LYS A 119 14.87 6.13 -4.23
N ILE A 120 14.09 5.14 -4.65
CA ILE A 120 14.10 3.83 -3.98
C ILE A 120 15.37 3.09 -4.36
N ALA A 121 15.70 3.17 -5.64
CA ALA A 121 16.88 2.53 -6.22
C ALA A 121 17.18 3.22 -7.54
N ASP A 122 18.24 2.76 -8.21
CA ASP A 122 18.61 3.36 -9.50
C ASP A 122 17.46 3.21 -10.49
N ARG A 123 17.06 4.32 -11.09
CA ARG A 123 15.95 4.34 -12.04
C ARG A 123 14.65 3.79 -11.43
N GLN A 124 14.38 4.19 -10.19
CA GLN A 124 13.20 3.77 -9.46
C GLN A 124 12.79 4.86 -8.47
N TRP A 125 11.70 5.56 -8.78
CA TRP A 125 11.18 6.63 -7.93
C TRP A 125 9.86 6.28 -7.28
N ARG A 126 9.59 6.97 -6.18
CA ARG A 126 8.36 6.84 -5.45
C ARG A 126 7.85 8.25 -5.29
N TYR A 127 6.68 8.53 -5.84
CA TYR A 127 6.09 9.84 -5.73
C TYR A 127 5.01 9.73 -4.65
N SER A 128 5.22 10.43 -3.54
CA SER A 128 4.26 10.43 -2.45
C SER A 128 3.82 11.85 -2.14
N ARG A 129 2.61 12.18 -2.59
CA ARG A 129 2.06 13.50 -2.35
C ARG A 129 1.66 13.58 -0.88
N PHE A 130 1.58 14.80 -0.35
CA PHE A 130 1.21 15.01 1.04
C PHE A 130 -0.25 14.60 1.26
N PRO A 131 -0.54 13.81 2.32
CA PRO A 131 -1.93 13.40 2.58
C PRO A 131 -2.77 14.50 3.24
N GLU A 132 -4.05 14.52 2.95
CA GLU A 132 -4.94 15.51 3.56
C GLU A 132 -4.98 15.21 5.04
N VAL A 133 -4.97 13.92 5.36
CA VAL A 133 -5.01 13.44 6.74
C VAL A 133 -3.82 12.50 6.94
N PRO A 134 -2.66 13.04 7.35
CA PRO A 134 -1.45 12.25 7.57
C PRO A 134 -1.60 11.15 8.61
N LEU A 135 -0.84 10.07 8.44
CA LEU A 135 -0.88 8.96 9.38
C LEU A 135 -0.23 9.39 10.67
N PHE A 136 0.81 10.22 10.55
CA PHE A 136 1.54 10.71 11.72
C PHE A 136 0.89 11.95 12.32
N GLY A 137 1.28 12.27 13.56
CA GLY A 137 0.74 13.43 14.24
C GLY A 137 -0.71 13.34 14.69
N ARG A 138 -1.25 12.13 14.78
CA ARG A 138 -2.63 11.93 15.20
C ARG A 138 -2.93 12.55 16.57
N ALA A 139 -2.04 12.34 17.54
CA ALA A 139 -2.24 12.89 18.88
C ALA A 139 -2.26 14.43 18.83
N ALA A 140 -1.30 15.01 18.12
CA ALA A 140 -1.23 16.44 17.99
C ALA A 140 -2.49 16.97 17.30
N ARG A 141 -2.98 16.26 16.29
CA ARG A 141 -4.20 16.68 15.59
C ARG A 141 -5.39 16.71 16.54
N GLU A 142 -5.49 15.65 17.33
CA GLU A 142 -6.57 15.54 18.29
C GLU A 142 -6.57 16.67 19.31
N SER A 143 -5.42 16.94 19.92
CA SER A 143 -5.32 18.03 20.89
C SER A 143 -5.72 19.35 20.24
N ARG A 144 -5.19 19.59 19.05
CA ARG A 144 -5.47 20.81 18.31
C ARG A 144 -6.97 20.94 18.10
N ILE A 145 -7.60 19.86 17.62
CA ILE A 145 -9.04 19.86 17.38
C ILE A 145 -9.84 20.25 18.62
N GLU A 146 -9.50 19.64 19.75
CA GLU A 146 -10.16 19.91 21.01
C GLU A 146 -9.95 21.33 21.48
N SER A 147 -8.72 21.82 21.36
CA SER A 147 -8.40 23.18 21.76
C SER A 147 -9.22 24.14 20.88
N LEU A 148 -9.18 23.94 19.56
CA LEU A 148 -9.93 24.78 18.64
C LEU A 148 -11.41 24.74 18.99
N HIS A 149 -11.89 23.57 19.42
CA HIS A 149 -13.28 23.44 19.79
C HIS A 149 -13.59 24.30 21.02
N ALA A 150 -12.71 24.26 22.00
CA ALA A 150 -12.88 25.05 23.22
C ALA A 150 -12.91 26.57 22.92
N GLU A 151 -12.05 27.00 22.00
CA GLU A 151 -11.98 28.41 21.57
C GLU A 151 -13.24 28.80 20.82
N ARG A 152 -13.67 27.90 19.95
CA ARG A 152 -14.88 28.09 19.14
C ARG A 152 -16.03 28.45 20.07
N GLU A 153 -16.18 27.66 21.13
CA GLU A 153 -17.23 27.83 22.11
C GLU A 153 -17.15 29.14 22.89
N VAL A 154 -15.95 29.55 23.27
CA VAL A 154 -15.77 30.81 23.98
C VAL A 154 -16.21 31.94 23.04
N LEU A 155 -15.79 31.85 21.77
CA LEU A 155 -16.14 32.87 20.78
C LEU A 155 -17.62 32.84 20.44
N SER A 156 -18.23 31.66 20.47
CA SER A 156 -19.65 31.59 20.16
C SER A 156 -20.46 32.33 21.22
N GLU A 157 -20.05 32.16 22.48
CA GLU A 157 -20.72 32.82 23.59
C GLU A 157 -20.47 34.32 23.58
N ARG A 158 -19.23 34.70 23.29
CA ARG A 158 -18.88 36.11 23.26
C ARG A 158 -19.73 36.78 22.19
N PHE A 159 -19.81 36.15 21.03
CA PHE A 159 -20.58 36.66 19.91
C PHE A 159 -22.04 36.85 20.31
N ALA A 160 -22.65 35.81 20.85
CA ALA A 160 -24.05 35.86 21.28
C ALA A 160 -24.28 36.98 22.29
N THR A 161 -23.30 37.20 23.16
CA THR A 161 -23.37 38.24 24.17
C THR A 161 -23.33 39.57 23.43
N LEU A 162 -22.98 39.49 22.15
CA LEU A 162 -22.85 40.66 21.30
C LEU A 162 -21.51 41.29 21.69
N HIS B 1 -17.74 -49.19 -13.31
CA HIS B 1 -18.06 -47.92 -12.59
C HIS B 1 -16.81 -47.11 -12.31
N MET B 2 -15.66 -47.78 -12.20
CA MET B 2 -14.42 -47.09 -11.89
C MET B 2 -14.01 -46.04 -12.92
N GLU B 3 -14.28 -46.30 -14.19
CA GLU B 3 -13.94 -45.34 -15.25
C GLU B 3 -14.80 -44.11 -15.10
N ARG B 4 -16.12 -44.31 -15.19
CA ARG B 4 -17.07 -43.24 -15.08
C ARG B 4 -16.81 -42.35 -13.87
N ASP B 5 -16.52 -42.97 -12.73
CA ASP B 5 -16.26 -42.21 -11.52
C ASP B 5 -14.94 -41.46 -11.53
N GLU B 6 -13.92 -41.98 -12.23
CA GLU B 6 -12.67 -41.25 -12.30
C GLU B 6 -12.88 -39.97 -13.10
N VAL B 7 -13.78 -40.04 -14.08
CA VAL B 7 -14.10 -38.88 -14.90
C VAL B 7 -14.75 -37.83 -14.01
N GLY B 8 -15.72 -38.27 -13.20
CA GLY B 8 -16.37 -37.34 -12.30
C GLY B 8 -15.34 -36.70 -11.38
N ALA B 9 -14.47 -37.53 -10.80
CA ALA B 9 -13.44 -37.06 -9.89
C ALA B 9 -12.52 -36.03 -10.54
N HIS B 10 -12.09 -36.30 -11.76
CA HIS B 10 -11.22 -35.38 -12.46
C HIS B 10 -11.99 -34.09 -12.73
N LYS B 11 -13.29 -34.24 -12.98
CA LYS B 11 -14.15 -33.10 -13.25
C LYS B 11 -14.19 -32.20 -12.02
N ASN B 12 -14.45 -32.78 -10.85
CA ASN B 12 -14.52 -32.01 -9.62
C ASN B 12 -13.19 -31.32 -9.34
N ALA B 13 -12.09 -32.02 -9.60
CA ALA B 13 -10.77 -31.45 -9.39
C ALA B 13 -10.63 -30.19 -10.25
N VAL B 14 -11.00 -30.29 -11.52
CA VAL B 14 -10.92 -29.14 -12.41
C VAL B 14 -11.80 -28.00 -11.87
N ASP B 15 -13.03 -28.33 -11.49
CA ASP B 15 -13.95 -27.35 -10.94
C ASP B 15 -13.28 -26.59 -9.78
N GLU B 16 -12.64 -27.34 -8.89
CA GLU B 16 -11.97 -26.75 -7.75
C GLU B 16 -10.87 -25.77 -8.11
N GLU B 17 -10.10 -26.07 -9.15
CA GLU B 17 -9.03 -25.14 -9.51
C GLU B 17 -9.65 -23.91 -10.13
N ILE B 18 -10.75 -24.10 -10.87
CA ILE B 18 -11.44 -22.99 -11.49
C ILE B 18 -11.89 -22.03 -10.41
N GLU B 19 -12.47 -22.59 -9.35
CA GLU B 19 -12.96 -21.85 -8.20
C GLU B 19 -11.87 -20.98 -7.59
N ARG B 20 -10.73 -21.61 -7.32
CA ARG B 20 -9.57 -20.95 -6.74
C ARG B 20 -9.15 -19.80 -7.62
N LEU B 21 -8.88 -20.12 -8.88
CA LEU B 21 -8.42 -19.12 -9.84
C LEU B 21 -9.41 -18.00 -10.09
N SER B 22 -10.68 -18.24 -9.79
CA SER B 22 -11.69 -17.24 -10.04
C SER B 22 -11.98 -16.24 -8.94
N GLN B 23 -11.39 -16.45 -7.77
CA GLN B 23 -11.62 -15.53 -6.65
C GLN B 23 -11.13 -14.13 -7.01
N PRO B 24 -11.88 -13.11 -6.57
CA PRO B 24 -11.48 -11.73 -6.87
C PRO B 24 -10.25 -11.32 -6.06
N GLY B 25 -9.54 -10.31 -6.54
CA GLY B 25 -8.35 -9.85 -5.86
C GLY B 25 -7.34 -9.51 -6.93
N GLY B 26 -6.09 -9.26 -6.53
CA GLY B 26 -5.08 -8.91 -7.52
C GLY B 26 -5.60 -7.64 -8.16
N SER B 27 -6.24 -6.83 -7.32
CA SER B 27 -6.81 -5.57 -7.73
C SER B 27 -5.74 -4.50 -7.85
N GLU B 28 -6.07 -3.45 -8.58
CA GLU B 28 -5.15 -2.34 -8.78
C GLU B 28 -5.96 -1.05 -8.82
N ASP B 29 -5.39 0.01 -8.25
CA ASP B 29 -6.04 1.32 -8.22
C ASP B 29 -6.51 1.66 -9.63
N GLN B 30 -7.82 1.83 -9.78
CA GLN B 30 -8.43 2.13 -11.06
C GLN B 30 -7.84 3.33 -11.83
N ARG B 31 -7.16 4.22 -11.11
CA ARG B 31 -6.57 5.38 -11.74
C ARG B 31 -5.22 5.10 -12.41
N LEU B 32 -4.53 4.07 -11.95
CA LEU B 32 -3.22 3.73 -12.50
C LEU B 32 -3.17 3.58 -14.03
N ASN B 33 -4.25 3.08 -14.62
CA ASN B 33 -4.30 2.89 -16.07
C ASN B 33 -4.17 4.17 -16.88
N ALA B 34 -4.98 5.17 -16.54
CA ALA B 34 -4.94 6.45 -17.24
C ALA B 34 -3.59 7.14 -17.04
N LEU B 35 -3.05 7.09 -15.82
CA LEU B 35 -1.76 7.72 -15.55
C LEU B 35 -0.64 7.10 -16.36
N ALA B 36 -0.65 5.77 -16.46
CA ALA B 36 0.37 5.07 -17.23
C ALA B 36 0.33 5.59 -18.66
N GLU B 37 -0.89 5.80 -19.15
CA GLU B 37 -1.08 6.32 -20.50
C GLU B 37 -0.63 7.76 -20.55
N ARG B 38 -1.04 8.55 -19.56
CA ARG B 38 -0.65 9.95 -19.52
C ARG B 38 0.87 10.13 -19.41
N PHE B 39 1.55 9.25 -18.67
CA PHE B 39 2.99 9.36 -18.53
C PHE B 39 3.71 8.68 -19.68
N GLY B 40 2.94 8.01 -20.54
CA GLY B 40 3.53 7.31 -21.66
C GLY B 40 4.23 6.05 -21.19
N GLY B 41 3.73 5.45 -20.11
CA GLY B 41 4.33 4.25 -19.60
C GLY B 41 3.41 3.05 -19.63
N VAL B 42 3.91 1.92 -19.11
CA VAL B 42 3.15 0.68 -19.06
C VAL B 42 3.25 0.09 -17.66
N LEU B 43 2.11 -0.31 -17.10
CA LEU B 43 2.07 -0.89 -15.77
C LEU B 43 2.84 -2.21 -15.72
N LEU B 44 3.59 -2.41 -14.63
CA LEU B 44 4.36 -3.63 -14.42
C LEU B 44 3.37 -4.76 -14.51
N SER B 45 2.18 -4.49 -14.00
CA SER B 45 1.07 -5.42 -13.97
C SER B 45 0.80 -6.02 -15.36
N GLU B 46 0.84 -5.17 -16.38
CA GLU B 46 0.60 -5.57 -17.76
C GLU B 46 1.84 -6.22 -18.36
N ILE B 47 3.01 -5.70 -18.04
CA ILE B 47 4.25 -6.27 -18.54
C ILE B 47 4.40 -7.70 -18.04
N TYR B 48 3.97 -7.96 -16.80
CA TYR B 48 4.05 -9.30 -16.23
C TYR B 48 2.73 -10.05 -16.37
N ASP B 49 2.10 -9.84 -17.51
CA ASP B 49 0.83 -10.46 -17.86
C ASP B 49 0.90 -11.96 -17.84
N ASP B 50 1.94 -12.49 -18.48
CA ASP B 50 2.11 -13.93 -18.60
C ASP B 50 3.05 -14.64 -17.66
N VAL B 51 3.20 -14.11 -16.44
CA VAL B 51 4.04 -14.78 -15.46
C VAL B 51 3.29 -16.06 -15.11
N SER B 52 3.98 -17.18 -15.12
CA SER B 52 3.36 -18.48 -14.85
C SER B 52 2.56 -18.51 -13.56
N LEU B 53 1.60 -19.43 -13.51
CA LEU B 53 0.76 -19.57 -12.32
C LEU B 53 1.66 -19.98 -11.17
N GLU B 54 2.75 -20.63 -11.53
CA GLU B 54 3.71 -21.12 -10.57
C GLU B 54 4.53 -19.98 -9.95
N ASP B 55 4.92 -19.01 -10.75
CA ASP B 55 5.74 -17.89 -10.29
C ASP B 55 5.01 -16.64 -9.81
N ALA B 56 3.78 -16.44 -10.27
CA ALA B 56 3.01 -15.24 -9.94
C ALA B 56 2.91 -14.87 -8.46
N PRO B 57 2.57 -15.83 -7.58
CA PRO B 57 2.46 -15.49 -6.16
C PRO B 57 3.76 -14.95 -5.59
N TYR B 58 4.83 -15.72 -5.77
CA TYR B 58 6.16 -15.35 -5.31
C TYR B 58 6.63 -14.03 -5.92
N PHE B 59 6.49 -13.91 -7.23
CA PHE B 59 6.92 -12.70 -7.92
C PHE B 59 6.15 -11.44 -7.52
N SER B 60 4.84 -11.58 -7.35
CA SER B 60 4.00 -10.45 -6.97
C SER B 60 4.39 -9.96 -5.57
N ALA B 61 4.61 -10.88 -4.64
CA ALA B 61 4.98 -10.52 -3.28
C ALA B 61 6.35 -9.86 -3.22
N LEU B 62 7.30 -10.45 -3.94
CA LEU B 62 8.66 -9.96 -4.01
C LEU B 62 8.74 -8.47 -4.23
N TYR B 63 8.04 -8.01 -5.28
CA TYR B 63 8.05 -6.60 -5.62
C TYR B 63 7.52 -5.65 -4.57
N GLY B 64 6.78 -6.16 -3.59
CA GLY B 64 6.22 -5.26 -2.59
C GLY B 64 5.34 -4.25 -3.30
N PRO B 65 5.11 -3.08 -2.68
CA PRO B 65 4.28 -2.00 -3.23
C PRO B 65 4.67 -1.56 -4.65
N SER B 66 5.93 -1.78 -5.02
CA SER B 66 6.39 -1.39 -6.34
C SER B 66 5.71 -2.21 -7.45
N ARG B 67 4.93 -3.21 -7.04
CA ARG B 67 4.20 -4.04 -8.01
C ARG B 67 3.21 -3.21 -8.84
N HIS B 68 2.78 -2.09 -8.29
CA HIS B 68 1.82 -1.20 -8.94
C HIS B 68 2.53 -0.11 -9.71
N ALA B 69 3.82 -0.31 -9.93
CA ALA B 69 4.66 0.65 -10.64
C ALA B 69 4.34 0.85 -12.10
N ILE B 70 4.52 2.09 -12.57
CA ILE B 70 4.31 2.43 -13.97
C ILE B 70 5.72 2.50 -14.56
N VAL B 71 5.98 1.68 -15.58
CA VAL B 71 7.28 1.67 -16.21
C VAL B 71 7.26 2.67 -17.35
N VAL B 72 8.26 3.56 -17.38
CA VAL B 72 8.37 4.57 -18.42
C VAL B 72 9.80 4.59 -18.97
N PRO B 73 10.00 5.22 -20.15
CA PRO B 73 11.29 5.32 -20.81
C PRO B 73 12.36 6.05 -20.01
N ASP B 74 12.06 7.30 -19.63
CA ASP B 74 13.03 8.11 -18.87
C ASP B 74 12.35 8.86 -17.73
N LEU B 75 12.75 8.54 -16.51
CA LEU B 75 12.22 9.16 -15.30
C LEU B 75 12.24 10.69 -15.35
N SER B 76 13.42 11.26 -15.57
CA SER B 76 13.56 12.70 -15.63
C SER B 76 12.53 13.36 -16.56
N GLN B 77 12.02 12.60 -17.52
CA GLN B 77 11.03 13.15 -18.43
C GLN B 77 9.58 13.00 -17.96
N VAL B 78 9.40 12.37 -16.80
CA VAL B 78 8.06 12.18 -16.23
C VAL B 78 7.83 13.30 -15.23
N THR B 79 8.92 13.74 -14.61
CA THR B 79 8.89 14.80 -13.63
C THR B 79 7.82 15.83 -13.91
N GLU B 80 7.79 16.33 -15.14
CA GLU B 80 6.80 17.33 -15.54
C GLU B 80 5.37 16.87 -15.25
N HIS B 81 5.14 15.57 -15.35
CA HIS B 81 3.82 15.00 -15.11
C HIS B 81 3.50 14.82 -13.61
N LEU B 82 4.53 14.79 -12.78
CA LEU B 82 4.34 14.62 -11.35
C LEU B 82 4.06 15.95 -10.65
N GLU B 83 4.70 17.01 -11.13
CA GLU B 83 4.54 18.35 -10.55
C GLU B 83 3.07 18.70 -10.39
N GLY B 84 2.63 18.78 -9.13
CA GLY B 84 1.24 19.12 -8.85
C GLY B 84 0.27 17.95 -8.97
N LEU B 85 0.80 16.73 -9.06
CA LEU B 85 -0.03 15.53 -9.18
C LEU B 85 -0.69 15.16 -7.84
N THR B 86 -2.02 15.19 -7.80
CA THR B 86 -2.72 14.84 -6.58
C THR B 86 -3.74 13.72 -6.75
N ASP B 87 -4.34 13.59 -7.93
CA ASP B 87 -5.33 12.53 -8.14
C ASP B 87 -4.64 11.20 -8.48
N CYS B 88 -4.05 10.58 -7.47
CA CYS B 88 -3.34 9.31 -7.63
C CYS B 88 -3.17 8.68 -6.25
N PRO B 89 -2.69 7.42 -6.19
CA PRO B 89 -2.52 6.83 -4.85
C PRO B 89 -1.50 7.62 -4.03
N GLU B 90 -1.58 7.52 -2.71
CA GLU B 90 -0.69 8.25 -1.82
C GLU B 90 0.77 7.87 -2.06
N ASP B 91 0.99 6.72 -2.68
CA ASP B 91 2.33 6.26 -3.03
C ASP B 91 2.28 5.78 -4.47
N LEU B 92 2.97 6.48 -5.35
CA LEU B 92 3.00 6.13 -6.76
C LEU B 92 4.42 5.76 -7.17
N TYR B 93 4.59 4.55 -7.69
CA TYR B 93 5.90 4.07 -8.11
C TYR B 93 6.15 4.21 -9.61
N LEU B 94 7.36 4.66 -9.93
CA LEU B 94 7.75 4.84 -11.32
C LEU B 94 9.09 4.21 -11.55
N ILE B 95 9.15 3.32 -12.52
CA ILE B 95 10.38 2.63 -12.87
C ILE B 95 10.76 2.94 -14.30
N GLU B 96 12.04 3.24 -14.49
CA GLU B 96 12.55 3.54 -15.81
C GLU B 96 12.97 2.21 -16.45
N GLY B 97 12.49 1.97 -17.67
CA GLY B 97 12.83 0.75 -18.36
C GLY B 97 12.11 0.59 -19.68
N ASP B 98 12.33 -0.55 -20.33
CA ASP B 98 11.68 -0.81 -21.60
C ASP B 98 10.61 -1.88 -21.45
N PRO B 99 9.34 -1.50 -21.58
CA PRO B 99 8.21 -2.43 -21.46
C PRO B 99 8.39 -3.70 -22.28
N GLN B 100 8.96 -3.58 -23.47
CA GLN B 100 9.14 -4.74 -24.36
C GLN B 100 10.32 -5.63 -24.00
N SER B 101 11.32 -5.07 -23.32
CA SER B 101 12.50 -5.83 -22.92
C SER B 101 12.88 -5.25 -21.56
N PHE B 102 11.98 -5.45 -20.61
CA PHE B 102 12.15 -4.95 -19.26
C PHE B 102 13.00 -5.84 -18.37
N ASP B 103 13.89 -5.23 -17.60
CA ASP B 103 14.75 -5.96 -16.68
C ASP B 103 14.21 -5.89 -15.25
N ASP B 104 14.18 -7.04 -14.58
CA ASP B 104 13.68 -7.14 -13.21
C ASP B 104 14.42 -6.26 -12.21
N SER B 105 13.75 -5.92 -11.12
CA SER B 105 14.38 -5.16 -10.05
C SER B 105 15.20 -6.19 -9.28
N VAL B 106 16.28 -5.77 -8.65
CA VAL B 106 17.08 -6.70 -7.88
C VAL B 106 16.74 -6.49 -6.42
N PHE B 107 16.39 -7.57 -5.75
CA PHE B 107 16.02 -7.48 -4.35
C PHE B 107 16.95 -8.33 -3.49
N SER B 108 17.09 -7.96 -2.22
CA SER B 108 17.89 -8.74 -1.30
C SER B 108 16.80 -9.52 -0.58
N VAL B 109 16.61 -10.78 -0.95
CA VAL B 109 15.52 -11.57 -0.40
C VAL B 109 15.81 -12.94 0.16
N ASP B 110 14.97 -13.34 1.10
CA ASP B 110 15.03 -14.65 1.73
C ASP B 110 13.61 -15.18 1.70
N GLU B 111 13.45 -16.49 1.46
CA GLU B 111 12.12 -17.07 1.42
C GLU B 111 11.69 -17.71 2.71
N LEU B 112 10.38 -17.80 2.89
CA LEU B 112 9.78 -18.41 4.06
C LEU B 112 8.57 -19.21 3.61
N GLU B 113 7.75 -19.64 4.57
CA GLU B 113 6.56 -20.42 4.28
C GLU B 113 5.58 -19.60 3.42
N LYS B 114 5.77 -19.67 2.10
CA LYS B 114 4.94 -18.94 1.15
C LYS B 114 4.84 -17.48 1.54
N ALA B 115 6.01 -16.85 1.57
CA ALA B 115 6.18 -15.46 1.90
C ALA B 115 7.62 -15.11 1.55
N VAL B 116 7.90 -13.82 1.53
CA VAL B 116 9.23 -13.32 1.20
C VAL B 116 9.61 -12.32 2.30
N VAL B 117 10.91 -12.09 2.46
CA VAL B 117 11.40 -11.10 3.42
C VAL B 117 12.50 -10.34 2.71
N VAL B 118 12.16 -9.13 2.28
CA VAL B 118 13.11 -8.28 1.58
C VAL B 118 13.71 -7.29 2.54
N LYS B 119 15.04 -7.12 2.47
CA LYS B 119 15.74 -6.19 3.31
C LYS B 119 15.67 -4.88 2.54
N ILE B 120 14.88 -3.94 3.05
CA ILE B 120 14.69 -2.64 2.40
C ILE B 120 15.91 -1.76 2.62
N ALA B 121 16.42 -1.84 3.84
CA ALA B 121 17.59 -1.06 4.26
C ALA B 121 18.09 -1.69 5.55
N ASP B 122 19.15 -1.13 6.11
CA ASP B 122 19.69 -1.66 7.35
C ASP B 122 18.63 -1.59 8.46
N ARG B 123 18.38 -2.73 9.10
CA ARG B 123 17.37 -2.82 10.15
C ARG B 123 15.95 -2.50 9.63
N GLN B 124 15.69 -2.87 8.37
CA GLN B 124 14.39 -2.61 7.72
C GLN B 124 13.96 -3.83 6.90
N TRP B 125 12.94 -4.56 7.37
CA TRP B 125 12.46 -5.72 6.63
C TRP B 125 11.05 -5.54 6.12
N ARG B 126 10.77 -6.14 4.97
CA ARG B 126 9.43 -6.13 4.42
C ARG B 126 9.05 -7.59 4.30
N TYR B 127 8.00 -7.98 5.02
CA TYR B 127 7.49 -9.33 4.97
C TYR B 127 6.30 -9.30 4.03
N SER B 128 6.40 -10.00 2.90
CA SER B 128 5.32 -10.07 1.93
C SER B 128 4.94 -11.51 1.65
N ARG B 129 3.82 -11.93 2.23
CA ARG B 129 3.29 -13.28 2.05
C ARG B 129 2.78 -13.38 0.62
N PHE B 130 2.69 -14.60 0.10
CA PHE B 130 2.21 -14.82 -1.26
C PHE B 130 0.71 -14.52 -1.33
N PRO B 131 0.26 -13.77 -2.35
CA PRO B 131 -1.18 -13.48 -2.45
C PRO B 131 -1.97 -14.64 -3.01
N GLU B 132 -3.20 -14.82 -2.53
CA GLU B 132 -4.06 -15.89 -3.04
C GLU B 132 -4.31 -15.59 -4.51
N VAL B 133 -4.46 -14.30 -4.80
CA VAL B 133 -4.72 -13.82 -6.16
C VAL B 133 -3.63 -12.79 -6.50
N PRO B 134 -2.48 -13.24 -7.00
CA PRO B 134 -1.37 -12.37 -7.36
C PRO B 134 -1.74 -11.29 -8.38
N LEU B 135 -1.01 -10.18 -8.35
CA LEU B 135 -1.26 -9.08 -9.27
C LEU B 135 -0.74 -9.45 -10.65
N PHE B 136 0.38 -10.17 -10.67
CA PHE B 136 1.02 -10.58 -11.91
C PHE B 136 0.41 -11.88 -12.42
N GLY B 137 0.69 -12.18 -13.69
CA GLY B 137 0.17 -13.39 -14.29
C GLY B 137 -1.33 -13.41 -14.58
N ARG B 138 -1.96 -12.25 -14.54
CA ARG B 138 -3.40 -12.18 -14.81
C ARG B 138 -3.78 -12.83 -16.14
N ALA B 139 -3.05 -12.51 -17.21
CA ALA B 139 -3.32 -13.07 -18.53
C ALA B 139 -3.20 -14.59 -18.55
N ALA B 140 -2.13 -15.11 -17.96
CA ALA B 140 -1.91 -16.54 -17.91
C ALA B 140 -2.98 -17.22 -17.05
N ARG B 141 -3.44 -16.52 -16.01
CA ARG B 141 -4.45 -17.06 -15.11
C ARG B 141 -5.78 -17.13 -15.85
N GLU B 142 -6.05 -16.10 -16.64
CA GLU B 142 -7.27 -16.03 -17.43
C GLU B 142 -7.34 -17.17 -18.45
N SER B 143 -6.21 -17.45 -19.11
CA SER B 143 -6.17 -18.52 -20.10
C SER B 143 -6.34 -19.88 -19.45
N ARG B 144 -5.74 -20.04 -18.28
CA ARG B 144 -5.83 -21.29 -17.55
C ARG B 144 -7.29 -21.57 -17.21
N ILE B 145 -7.97 -20.55 -16.71
CA ILE B 145 -9.38 -20.64 -16.34
C ILE B 145 -10.24 -21.08 -17.51
N GLU B 146 -10.06 -20.44 -18.66
CA GLU B 146 -10.83 -20.76 -19.85
C GLU B 146 -10.55 -22.19 -20.29
N SER B 147 -9.28 -22.52 -20.42
CA SER B 147 -8.90 -23.87 -20.83
C SER B 147 -9.55 -24.87 -19.87
N LEU B 148 -9.35 -24.68 -18.57
CA LEU B 148 -9.92 -25.56 -17.57
C LEU B 148 -11.43 -25.62 -17.73
N HIS B 149 -12.04 -24.50 -18.07
CA HIS B 149 -13.50 -24.50 -18.25
C HIS B 149 -13.90 -25.38 -19.43
N ALA B 150 -13.15 -25.25 -20.53
CA ALA B 150 -13.40 -26.04 -21.74
C ALA B 150 -13.25 -27.52 -21.42
N GLU B 151 -12.26 -27.86 -20.61
CA GLU B 151 -12.00 -29.24 -20.20
C GLU B 151 -13.12 -29.77 -19.32
N ARG B 152 -13.59 -28.91 -18.44
CA ARG B 152 -14.67 -29.21 -17.50
C ARG B 152 -15.91 -29.68 -18.29
N GLU B 153 -16.26 -28.90 -19.30
CA GLU B 153 -17.42 -29.19 -20.13
C GLU B 153 -17.33 -30.52 -20.89
N VAL B 154 -16.15 -30.82 -21.44
CA VAL B 154 -15.97 -32.09 -22.13
C VAL B 154 -16.21 -33.23 -21.12
N LEU B 155 -15.62 -33.12 -19.92
CA LEU B 155 -15.78 -34.15 -18.90
C LEU B 155 -17.23 -34.27 -18.42
N SER B 156 -17.93 -33.15 -18.32
CA SER B 156 -19.32 -33.21 -17.89
C SER B 156 -20.14 -33.97 -18.91
N GLU B 157 -19.86 -33.71 -20.19
CA GLU B 157 -20.58 -34.37 -21.26
C GLU B 157 -20.21 -35.86 -21.33
N ARG B 158 -18.94 -36.16 -21.12
CA ARG B 158 -18.51 -37.54 -21.15
C ARG B 158 -19.22 -38.28 -20.03
N PHE B 159 -19.17 -37.69 -18.84
CA PHE B 159 -19.83 -38.25 -17.66
C PHE B 159 -21.30 -38.61 -17.93
N ALA B 160 -22.06 -37.63 -18.43
CA ALA B 160 -23.48 -37.82 -18.74
C ALA B 160 -23.76 -38.98 -19.70
N THR B 161 -22.78 -39.31 -20.56
CA THR B 161 -22.94 -40.42 -21.50
C THR B 161 -22.54 -41.68 -20.73
N LEU B 162 -21.98 -41.45 -19.54
CA LEU B 162 -21.48 -42.49 -18.65
C LEU B 162 -20.28 -43.15 -19.33
#